data_1YNP
#
_entry.id   1YNP
#
_cell.length_a   74.669
_cell.length_b   86.566
_cell.length_c   105.427
_cell.angle_alpha   90.00
_cell.angle_beta   90.00
_cell.angle_gamma   90.00
#
_symmetry.space_group_name_H-M   'P 21 21 21'
#
loop_
_entity.id
_entity.type
_entity.pdbx_description
1 polymer oxidoreductase
2 branched beta-D-fructofuranose-(2-1)-alpha-D-glucopyranose
3 non-polymer 'SODIUM ION'
4 non-polymer 'SULFATE ION'
5 non-polymer GLYCEROL
6 water water
#
_entity_poly.entity_id   1
_entity_poly.type   'polypeptide(L)'
_entity_poly.pdbx_seq_one_letter_code
;MGSSHHHHHHSSGLVPRGSHMKKRQLGTSDLHVSELGFGCMSLGTDETKARRIMDEVLELGINYLDTADLYNQGLNEQFV
GKALKGRRQDIILATKVGNRFEQGKEGWWWDPSKAYIKEAVKDSLRRLQTDYIDLYQLHGGTIDDPIDETIEAFEELKQE
GVIRYYGISSIRPNVIKEYLKRSNIVSIMMQYSILDRRPEEWFPLIQEHGVSVVVRGPVARGLLSRRPLPEGEGYLNYRY
DELKLLRESLPTDRPLHELALQYCLAHDVVATVAAGASSIDQVKANVQAVEATPLTAEERQHIQKLAKAAVYEQHRE
;
_entity_poly.pdbx_strand_id   A,B
#
loop_
_chem_comp.id
_chem_comp.type
_chem_comp.name
_chem_comp.formula
FRU D-saccharide, beta linking beta-D-fructofuranose 'C6 H12 O6'
GLC D-saccharide, alpha linking alpha-D-glucopyranose 'C6 H12 O6'
GOL non-polymer GLYCEROL 'C3 H8 O3'
NA non-polymer 'SODIUM ION' 'Na 1'
SO4 non-polymer 'SULFATE ION' 'O4 S -2'
#
# COMPACT_ATOMS: atom_id res chain seq x y z
N HIS A 20 4.38 33.49 4.80
CA HIS A 20 4.69 32.51 3.73
C HIS A 20 4.58 31.09 4.31
N MET A 21 4.57 30.85 5.81
CA MET A 21 4.29 29.50 6.35
C MET A 21 2.79 29.25 6.43
N LYS A 22 2.31 28.29 5.66
CA LYS A 22 0.91 27.88 5.69
C LYS A 22 0.61 27.02 6.94
N LYS A 23 -0.67 26.98 7.27
CA LYS A 23 -1.16 26.20 8.42
C LYS A 23 -2.20 25.20 7.95
N ARG A 24 -2.36 24.11 8.72
CA ARG A 24 -3.40 23.14 8.47
C ARG A 24 -4.11 22.85 9.79
N GLN A 25 -5.38 22.54 9.71
CA GLN A 25 -6.16 22.13 10.90
C GLN A 25 -5.70 20.78 11.39
N LEU A 26 -5.49 20.67 12.70
CA LEU A 26 -5.07 19.39 13.27
C LEU A 26 -6.30 18.56 13.56
N GLY A 27 -6.60 17.58 12.70
CA GLY A 27 -7.82 16.83 12.85
C GLY A 27 -9.07 17.69 12.87
N THR A 28 -10.01 17.41 13.78
CA THR A 28 -11.20 18.29 13.86
C THR A 28 -11.04 19.32 14.98
N SER A 29 -9.84 19.38 15.58
CA SER A 29 -9.54 20.30 16.69
C SER A 29 -9.51 21.76 16.20
N ASP A 30 -9.51 22.68 17.15
CA ASP A 30 -9.40 24.10 16.82
C ASP A 30 -7.93 24.53 16.61
N LEU A 31 -6.99 23.57 16.59
CA LEU A 31 -5.58 23.93 16.46
C LEU A 31 -5.23 24.02 14.99
N HIS A 32 -4.62 25.15 14.59
CA HIS A 32 -4.13 25.33 13.23
C HIS A 32 -2.65 25.46 13.24
N VAL A 33 -2.00 24.42 12.74
CA VAL A 33 -0.56 24.24 12.98
C VAL A 33 0.21 24.55 11.72
N SER A 34 1.38 25.17 11.89
CA SER A 34 2.24 25.41 10.73
C SER A 34 2.60 24.07 10.08
N GLU A 35 2.72 24.06 8.74
CA GLU A 35 3.08 22.85 8.03
C GLU A 35 4.42 22.24 8.40
N LEU A 36 5.35 23.08 8.86
CA LEU A 36 6.59 22.61 9.47
C LEU A 36 6.42 22.84 10.96
N GLY A 37 6.65 21.82 11.75
CA GLY A 37 6.69 21.98 13.18
C GLY A 37 8.10 21.87 13.71
N PHE A 38 8.35 22.37 14.92
CA PHE A 38 9.68 22.36 15.48
C PHE A 38 9.74 21.38 16.64
N GLY A 39 10.79 20.56 16.62
CA GLY A 39 11.14 19.62 17.64
C GLY A 39 12.48 19.06 17.14
N CYS A 40 12.96 18.07 17.84
CA CYS A 40 14.10 17.27 17.32
C CYS A 40 15.30 18.17 16.89
N MET A 41 15.59 19.12 17.79
CA MET A 41 16.75 19.97 17.69
C MET A 41 17.21 20.32 19.09
N SER A 42 18.52 20.21 19.30
CA SER A 42 19.10 20.57 20.58
C SER A 42 19.20 22.10 20.68
N LEU A 43 18.70 22.64 21.77
CA LEU A 43 18.81 24.06 22.04
C LEU A 43 20.10 24.42 22.79
N GLY A 44 20.88 23.42 23.18
CA GLY A 44 22.19 23.68 23.80
C GLY A 44 22.13 24.06 25.27
N THR A 45 23.30 24.41 25.84
CA THR A 45 23.50 24.63 27.29
C THR A 45 23.28 26.09 27.76
N ASP A 46 23.43 27.02 26.81
CA ASP A 46 23.35 28.45 27.08
C ASP A 46 21.93 28.88 26.82
N GLU A 47 21.25 29.36 27.87
CA GLU A 47 19.88 29.81 27.74
C GLU A 47 19.74 30.98 26.76
N THR A 48 20.73 31.87 26.75
CA THR A 48 20.69 33.01 25.84
C THR A 48 20.67 32.53 24.38
N LYS A 49 21.54 31.57 24.05
CA LYS A 49 21.58 30.99 22.70
C LYS A 49 20.30 30.22 22.39
N ALA A 50 19.78 29.49 23.39
CA ALA A 50 18.53 28.75 23.19
C ALA A 50 17.40 29.71 22.82
N ARG A 51 17.32 30.85 23.53
CA ARG A 51 16.22 31.76 23.28
C ARG A 51 16.39 32.42 21.93
N ARG A 52 17.64 32.66 21.51
CA ARG A 52 17.93 33.13 20.14
C ARG A 52 17.41 32.14 19.07
N ILE A 53 17.69 30.87 19.27
CA ILE A 53 17.19 29.83 18.37
C ILE A 53 15.66 29.85 18.30
N MET A 54 15.00 29.86 19.46
CA MET A 54 13.54 29.87 19.46
C MET A 54 12.94 31.11 18.84
N ASP A 55 13.53 32.28 19.09
CA ASP A 55 13.01 33.49 18.49
C ASP A 55 13.04 33.34 16.97
N GLU A 56 14.12 32.78 16.44
CA GLU A 56 14.22 32.60 14.99
C GLU A 56 13.20 31.60 14.42
N VAL A 57 13.03 30.48 15.12
CA VAL A 57 11.98 29.51 14.78
C VAL A 57 10.62 30.20 14.65
N LEU A 58 10.25 30.98 15.68
CA LEU A 58 8.95 31.60 15.67
C LEU A 58 8.86 32.69 14.58
N GLU A 59 9.98 33.41 14.39
CA GLU A 59 10.04 34.46 13.35
C GLU A 59 9.78 33.88 11.95
N LEU A 60 10.23 32.65 11.74
CA LEU A 60 10.04 31.93 10.46
C LEU A 60 8.58 31.53 10.23
N GLY A 61 7.71 31.71 11.24
CA GLY A 61 6.30 31.37 11.04
C GLY A 61 5.91 29.98 11.55
N ILE A 62 6.87 29.30 12.16
CA ILE A 62 6.57 27.97 12.77
C ILE A 62 5.82 28.25 14.08
N ASN A 63 4.68 27.64 14.27
CA ASN A 63 3.94 27.95 15.51
C ASN A 63 3.65 26.70 16.34
N TYR A 64 4.18 25.57 15.90
CA TYR A 64 3.93 24.26 16.51
C TYR A 64 5.23 23.78 17.09
N LEU A 65 5.27 23.66 18.44
CA LEU A 65 6.46 23.22 19.13
C LEU A 65 6.15 21.94 19.87
N ASP A 66 6.82 20.86 19.49
CA ASP A 66 6.64 19.59 20.21
C ASP A 66 7.86 19.33 21.03
N THR A 67 7.69 19.29 22.36
CA THR A 67 8.84 19.14 23.24
C THR A 67 9.20 17.68 23.44
N ALA A 68 8.34 16.77 23.01
CA ALA A 68 8.53 15.32 23.23
C ALA A 68 9.75 14.83 22.46
N ASP A 69 10.45 13.84 23.04
CA ASP A 69 11.51 13.18 22.32
C ASP A 69 11.04 12.63 20.96
N LEU A 70 11.79 12.97 19.91
CA LEU A 70 11.68 12.38 18.56
C LEU A 70 13.05 11.85 18.28
N TYR A 71 13.13 10.57 17.94
CA TYR A 71 14.44 9.96 17.76
C TYR A 71 15.40 10.28 18.91
N ASN A 72 14.91 10.23 20.14
CA ASN A 72 15.83 10.41 21.31
C ASN A 72 16.34 11.89 21.42
N GLN A 73 15.73 12.85 20.71
CA GLN A 73 16.11 14.28 20.90
C GLN A 73 14.78 15.05 21.21
N GLY A 74 14.59 15.68 22.40
CA GLY A 74 13.41 16.46 22.68
C GLY A 74 13.81 17.92 22.76
N LEU A 75 12.93 18.75 23.32
CA LEU A 75 13.28 20.14 23.56
C LEU A 75 13.31 20.41 25.07
N ASN A 76 14.33 21.15 25.53
CA ASN A 76 14.45 21.57 26.92
C ASN A 76 13.22 22.42 27.26
N GLU A 77 12.40 21.90 28.17
CA GLU A 77 11.13 22.53 28.52
C GLU A 77 11.31 23.82 29.26
N GLN A 78 12.38 23.90 30.06
CA GLN A 78 12.59 25.16 30.78
C GLN A 78 12.92 26.28 29.78
N PHE A 79 13.76 25.97 28.79
CA PHE A 79 14.09 26.93 27.75
C PHE A 79 12.91 27.30 26.89
N VAL A 80 12.18 26.29 26.43
CA VAL A 80 10.95 26.52 25.66
C VAL A 80 10.00 27.41 26.48
N GLY A 81 9.88 27.12 27.77
CA GLY A 81 8.97 27.92 28.62
C GLY A 81 9.35 29.38 28.57
N LYS A 82 10.63 29.66 28.67
CA LYS A 82 11.08 31.05 28.66
C LYS A 82 10.83 31.69 27.30
N ALA A 83 10.90 30.90 26.24
CA ALA A 83 10.61 31.44 24.92
C ALA A 83 9.13 31.75 24.70
N LEU A 84 8.26 31.06 25.44
CA LEU A 84 6.80 31.26 25.28
C LEU A 84 6.38 32.61 25.87
N LYS A 85 7.23 33.18 26.73
CA LYS A 85 6.79 34.32 27.59
C LYS A 85 6.26 35.49 26.75
N GLY A 86 5.02 35.89 27.01
CA GLY A 86 4.40 37.05 26.36
C GLY A 86 3.70 36.70 25.06
N ARG A 87 3.82 35.45 24.62
CA ARG A 87 3.19 35.07 23.35
C ARG A 87 2.56 33.67 23.37
N ARG A 88 2.16 33.21 24.56
CA ARG A 88 1.69 31.83 24.72
C ARG A 88 0.56 31.51 23.77
N GLN A 89 -0.36 32.48 23.61
CA GLN A 89 -1.59 32.28 22.89
C GLN A 89 -1.31 32.07 21.40
N ASP A 90 -0.12 32.46 20.94
CA ASP A 90 0.25 32.40 19.53
C ASP A 90 0.99 31.11 19.16
N ILE A 91 1.19 30.24 20.14
CA ILE A 91 1.98 29.03 19.95
C ILE A 91 1.14 27.82 20.32
N ILE A 92 1.25 26.79 19.49
CA ILE A 92 0.66 25.47 19.80
C ILE A 92 1.73 24.56 20.37
N LEU A 93 1.55 24.21 21.66
CA LEU A 93 2.55 23.49 22.40
C LEU A 93 2.11 22.04 22.57
N ALA A 94 2.97 21.12 22.17
CA ALA A 94 2.71 19.68 22.35
C ALA A 94 3.75 19.06 23.23
N THR A 95 3.33 18.07 24.05
CA THR A 95 4.25 17.35 24.90
C THR A 95 3.78 15.88 24.85
N LYS A 96 4.47 14.99 25.53
CA LYS A 96 4.10 13.58 25.57
C LYS A 96 4.02 13.04 26.99
N VAL A 97 3.39 11.89 27.06
CA VAL A 97 3.43 11.02 28.23
C VAL A 97 3.67 9.59 27.76
N SER A 113 -2.76 4.04 36.33
CA SER A 113 -2.48 4.60 35.00
C SER A 113 -3.14 6.00 34.77
N LYS A 114 -4.38 6.19 35.20
CA LYS A 114 -4.96 7.54 35.20
C LYS A 114 -4.10 8.53 36.03
N ALA A 115 -3.66 8.12 37.22
CA ALA A 115 -2.83 9.01 38.04
C ALA A 115 -1.50 9.35 37.40
N TYR A 116 -0.89 8.40 36.71
CA TYR A 116 0.37 8.67 36.05
C TYR A 116 0.16 9.74 34.99
N ILE A 117 -0.87 9.58 34.17
CA ILE A 117 -1.08 10.47 33.02
C ILE A 117 -1.35 11.89 33.53
N LYS A 118 -2.03 11.99 34.66
CA LYS A 118 -2.27 13.31 35.23
C LYS A 118 -1.03 13.96 35.85
N GLU A 119 -0.32 13.20 36.67
CA GLU A 119 0.89 13.71 37.33
C GLU A 119 1.95 14.13 36.31
N ALA A 120 2.05 13.38 35.21
CA ALA A 120 3.03 13.67 34.20
C ALA A 120 2.89 15.08 33.56
N VAL A 121 1.71 15.43 33.08
CA VAL A 121 1.57 16.74 32.42
C VAL A 121 1.80 17.89 33.43
N LYS A 122 1.45 17.66 34.69
CA LYS A 122 1.73 18.66 35.74
C LYS A 122 3.22 19.03 35.80
N ASP A 123 4.08 18.01 35.73
CA ASP A 123 5.53 18.22 35.70
C ASP A 123 5.94 19.08 34.49
N SER A 124 5.43 18.80 33.29
CA SER A 124 5.77 19.57 32.11
C SER A 124 5.31 21.02 32.29
N LEU A 125 4.09 21.20 32.76
CA LEU A 125 3.53 22.55 32.90
C LEU A 125 4.35 23.39 33.83
N ARG A 126 4.81 22.78 34.93
CA ARG A 126 5.66 23.49 35.87
C ARG A 126 6.95 23.94 35.17
N ARG A 127 7.58 23.02 34.43
CA ARG A 127 8.84 23.40 33.77
C ARG A 127 8.59 24.45 32.68
N LEU A 128 7.47 24.31 31.98
CA LEU A 128 7.13 25.19 30.86
C LEU A 128 6.59 26.54 31.30
N GLN A 129 6.27 26.65 32.59
CA GLN A 129 5.69 27.89 33.16
C GLN A 129 4.45 28.32 32.38
N THR A 130 3.58 27.35 32.10
CA THR A 130 2.29 27.67 31.52
C THR A 130 1.24 26.79 32.18
N ASP A 131 -0.02 27.09 31.95
CA ASP A 131 -1.04 26.31 32.63
C ASP A 131 -1.91 25.43 31.75
N TYR A 132 -1.59 25.34 30.46
CA TYR A 132 -2.28 24.36 29.64
C TYR A 132 -1.30 23.92 28.53
N ILE A 133 -1.50 22.69 28.07
CA ILE A 133 -0.81 22.13 26.89
C ILE A 133 -1.85 22.05 25.76
N ASP A 134 -1.47 22.43 24.51
CA ASP A 134 -2.43 22.34 23.44
C ASP A 134 -2.69 20.92 23.02
N LEU A 135 -1.62 20.11 22.94
CA LEU A 135 -1.76 18.72 22.44
C LEU A 135 -0.89 17.83 23.30
N TYR A 136 -1.56 16.92 24.02
CA TYR A 136 -0.86 15.99 24.90
C TYR A 136 -0.90 14.60 24.25
N GLN A 137 0.27 13.99 24.08
CA GLN A 137 0.34 12.79 23.25
C GLN A 137 0.83 11.58 24.00
N LEU A 138 0.16 10.46 23.77
CA LEU A 138 0.59 9.19 24.37
C LEU A 138 1.65 8.53 23.52
N HIS A 139 2.77 8.23 24.15
CA HIS A 139 3.86 7.40 23.55
C HIS A 139 3.84 6.04 24.23
N GLY A 140 4.28 5.02 23.50
CA GLY A 140 4.47 3.67 24.09
C GLY A 140 3.18 2.91 24.27
N GLY A 141 2.07 3.38 23.68
CA GLY A 141 0.82 2.63 23.79
C GLY A 141 0.89 1.23 23.17
N THR A 142 0.22 0.29 23.80
CA THR A 142 0.05 -1.05 23.23
C THR A 142 -1.41 -1.45 23.38
N ILE A 143 -1.77 -2.51 22.69
CA ILE A 143 -3.14 -3.00 22.72
C ILE A 143 -3.49 -3.63 24.08
N ASP A 144 -2.46 -3.96 24.86
CA ASP A 144 -2.64 -4.61 26.18
C ASP A 144 -2.73 -3.59 27.32
N ASP A 145 -2.62 -2.31 27.00
CA ASP A 145 -2.80 -1.27 28.01
C ASP A 145 -4.26 -1.14 28.47
N PRO A 146 -4.47 -0.45 29.59
CA PRO A 146 -5.84 -0.19 30.04
C PRO A 146 -6.39 0.98 29.23
N ILE A 147 -7.13 0.64 28.19
CA ILE A 147 -7.42 1.64 27.18
C ILE A 147 -8.50 2.59 27.67
N ASP A 148 -9.59 2.04 28.24
CA ASP A 148 -10.62 2.91 28.81
C ASP A 148 -10.03 3.86 29.88
N GLU A 149 -9.15 3.35 30.74
CA GLU A 149 -8.58 4.17 31.82
C GLU A 149 -7.72 5.30 31.22
N THR A 150 -6.97 4.96 30.18
CA THR A 150 -6.11 5.93 29.52
C THR A 150 -6.96 7.04 28.89
N ILE A 151 -7.96 6.64 28.12
CA ILE A 151 -8.85 7.58 27.47
C ILE A 151 -9.54 8.47 28.51
N GLU A 152 -10.04 7.84 29.59
CA GLU A 152 -10.67 8.63 30.61
C GLU A 152 -9.72 9.68 31.18
N ALA A 153 -8.46 9.33 31.44
CA ALA A 153 -7.44 10.27 31.96
C ALA A 153 -7.35 11.50 31.03
N PHE A 154 -7.16 11.25 29.75
CA PHE A 154 -7.06 12.34 28.79
C PHE A 154 -8.35 13.15 28.76
N GLU A 155 -9.51 12.51 28.76
CA GLU A 155 -10.75 13.25 28.75
C GLU A 155 -10.93 14.12 29.99
N GLU A 156 -10.51 13.62 31.13
CA GLU A 156 -10.63 14.42 32.35
C GLU A 156 -9.66 15.62 32.30
N LEU A 157 -8.43 15.45 31.80
CA LEU A 157 -7.54 16.56 31.66
C LEU A 157 -8.12 17.58 30.68
N LYS A 158 -8.75 17.11 29.63
CA LYS A 158 -9.29 17.99 28.60
C LYS A 158 -10.51 18.76 29.19
N GLN A 159 -11.37 18.06 29.95
CA GLN A 159 -12.56 18.71 30.55
C GLN A 159 -12.15 19.79 31.52
N GLU A 160 -11.06 19.57 32.24
CA GLU A 160 -10.54 20.50 33.21
C GLU A 160 -9.69 21.60 32.62
N GLY A 161 -9.37 21.48 31.33
CA GLY A 161 -8.59 22.51 30.63
C GLY A 161 -7.09 22.46 30.85
N VAL A 162 -6.59 21.40 31.45
CA VAL A 162 -5.16 21.19 31.59
C VAL A 162 -4.52 20.96 30.20
N ILE A 163 -5.28 20.31 29.35
CA ILE A 163 -4.89 20.12 27.93
C ILE A 163 -6.08 20.58 27.10
N ARG A 164 -5.82 20.97 25.84
CA ARG A 164 -6.92 21.26 24.95
C ARG A 164 -7.33 20.02 24.16
N TYR A 165 -6.34 19.24 23.70
CA TYR A 165 -6.57 18.03 22.87
C TYR A 165 -5.56 16.99 23.20
N TYR A 166 -5.85 15.75 22.77
CA TYR A 166 -4.86 14.71 22.97
C TYR A 166 -4.70 13.93 21.65
N GLY A 167 -3.62 13.20 21.57
CA GLY A 167 -3.30 12.35 20.42
C GLY A 167 -2.40 11.24 20.83
N ILE A 168 -1.97 10.44 19.85
CA ILE A 168 -1.00 9.37 20.16
C ILE A 168 0.17 9.51 19.23
N SER A 169 1.28 8.89 19.62
CA SER A 169 2.41 8.65 18.74
C SER A 169 2.49 7.15 18.57
N SER A 170 2.26 6.65 17.34
CA SER A 170 2.19 5.19 17.18
C SER A 170 2.38 4.82 15.72
N ILE A 171 3.08 3.72 15.53
CA ILE A 171 3.08 3.04 14.23
C ILE A 171 2.49 1.65 14.33
N ARG A 172 1.63 1.44 15.34
CA ARG A 172 0.97 0.17 15.52
C ARG A 172 -0.47 0.26 15.08
N PRO A 173 -0.84 -0.39 13.96
CA PRO A 173 -2.23 -0.31 13.54
C PRO A 173 -3.24 -0.75 14.58
N ASN A 174 -2.89 -1.74 15.41
CA ASN A 174 -3.87 -2.19 16.37
C ASN A 174 -4.18 -1.12 17.41
N VAL A 175 -3.17 -0.39 17.84
CA VAL A 175 -3.34 0.77 18.77
C VAL A 175 -4.10 1.86 18.06
N ILE A 176 -3.70 2.19 16.81
CA ILE A 176 -4.38 3.23 16.10
C ILE A 176 -5.88 2.94 15.96
N LYS A 177 -6.23 1.70 15.58
CA LYS A 177 -7.61 1.38 15.36
C LYS A 177 -8.40 1.50 16.66
N GLU A 178 -7.83 1.05 17.78
CA GLU A 178 -8.54 1.18 19.05
C GLU A 178 -8.79 2.61 19.44
N TYR A 179 -7.77 3.48 19.35
CA TYR A 179 -7.98 4.88 19.72
C TYR A 179 -8.89 5.60 18.73
N LEU A 180 -8.85 5.23 17.45
CA LEU A 180 -9.79 5.89 16.57
C LEU A 180 -11.25 5.50 16.88
N LYS A 181 -11.48 4.26 17.29
CA LYS A 181 -12.83 3.78 17.52
C LYS A 181 -13.37 4.32 18.87
N ARG A 182 -12.49 4.42 19.86
CA ARG A 182 -12.91 4.55 21.29
C ARG A 182 -12.64 5.93 21.90
N SER A 183 -11.85 6.74 21.22
CA SER A 183 -11.36 7.99 21.82
C SER A 183 -11.58 9.16 20.91
N ASN A 184 -11.29 10.35 21.45
CA ASN A 184 -11.36 11.58 20.66
C ASN A 184 -9.95 12.11 20.35
N ILE A 185 -9.00 11.21 20.09
CA ILE A 185 -7.71 11.72 19.61
C ILE A 185 -7.91 12.56 18.36
N VAL A 186 -7.05 13.57 18.20
CA VAL A 186 -7.12 14.43 16.99
C VAL A 186 -5.92 14.19 16.07
N SER A 187 -4.90 13.48 16.56
CA SER A 187 -3.64 13.33 15.83
C SER A 187 -2.95 12.04 16.14
N ILE A 188 -2.23 11.54 15.13
CA ILE A 188 -1.37 10.39 15.30
C ILE A 188 0.00 10.77 14.74
N MET A 189 1.03 10.74 15.56
CA MET A 189 2.39 10.98 15.09
C MET A 189 2.97 9.67 14.57
N MET A 190 3.46 9.70 13.32
CA MET A 190 3.96 8.48 12.65
C MET A 190 5.25 8.84 11.94
N GLN A 191 6.21 7.90 11.91
CA GLN A 191 7.35 8.00 10.97
C GLN A 191 6.80 7.85 9.55
N TYR A 192 7.14 8.78 8.68
CA TYR A 192 6.59 8.75 7.33
C TYR A 192 7.54 9.49 6.38
N SER A 193 7.88 8.85 5.26
CA SER A 193 8.68 9.54 4.27
C SER A 193 8.53 8.77 2.93
N ILE A 194 9.17 9.28 1.88
CA ILE A 194 9.24 8.48 0.64
C ILE A 194 9.69 7.06 0.92
N LEU A 195 10.65 6.88 1.85
CA LEU A 195 11.29 5.56 2.12
C LEU A 195 10.52 4.72 3.13
N ASP A 196 9.55 5.32 3.84
CA ASP A 196 8.75 4.56 4.79
C ASP A 196 7.29 4.94 4.52
N ARG A 197 6.66 4.24 3.58
CA ARG A 197 5.28 4.53 3.20
C ARG A 197 4.27 3.64 3.94
N ARG A 198 4.73 2.93 4.97
CA ARG A 198 3.83 2.06 5.74
C ARG A 198 2.58 2.79 6.29
N PRO A 199 2.70 4.08 6.69
CA PRO A 199 1.52 4.79 7.17
C PRO A 199 0.42 4.88 6.16
N GLU A 200 0.76 4.90 4.86
CA GLU A 200 -0.25 5.21 3.88
C GLU A 200 -1.42 4.29 3.85
N GLU A 201 -1.16 3.00 4.16
CA GLU A 201 -2.23 2.01 4.24
C GLU A 201 -3.39 2.49 5.14
N TRP A 202 -3.05 3.24 6.18
CA TRP A 202 -4.01 3.66 7.23
C TRP A 202 -4.58 5.03 7.02
N PHE A 203 -4.11 5.75 5.99
CA PHE A 203 -4.58 7.12 5.78
C PHE A 203 -6.10 7.20 5.57
N PRO A 204 -6.71 6.32 4.73
CA PRO A 204 -8.15 6.45 4.55
C PRO A 204 -8.92 6.29 5.87
N LEU A 205 -8.53 5.32 6.69
CA LEU A 205 -9.18 5.13 7.97
C LEU A 205 -9.01 6.37 8.87
N ILE A 206 -7.77 6.87 8.97
CA ILE A 206 -7.49 8.02 9.80
C ILE A 206 -8.32 9.22 9.35
N GLN A 207 -8.28 9.49 8.06
CA GLN A 207 -9.01 10.61 7.51
C GLN A 207 -10.52 10.49 7.68
N GLU A 208 -11.04 9.26 7.57
CA GLU A 208 -12.49 9.03 7.73
C GLU A 208 -12.93 9.42 9.15
N HIS A 209 -12.01 9.30 10.11
CA HIS A 209 -12.29 9.67 11.50
C HIS A 209 -12.04 11.16 11.78
N GLY A 210 -11.62 11.90 10.76
CA GLY A 210 -11.35 13.33 10.95
C GLY A 210 -10.09 13.60 11.74
N VAL A 211 -9.15 12.66 11.79
CA VAL A 211 -7.90 12.75 12.54
C VAL A 211 -6.78 13.09 11.55
N SER A 212 -5.74 13.77 12.02
CA SER A 212 -4.55 14.06 11.21
C SER A 212 -3.32 13.29 11.64
N VAL A 213 -2.37 13.16 10.70
CA VAL A 213 -1.07 12.64 11.00
C VAL A 213 -0.07 13.77 11.19
N VAL A 214 0.80 13.63 12.18
CA VAL A 214 2.00 14.48 12.37
C VAL A 214 3.16 13.63 12.01
N VAL A 215 4.02 14.13 11.13
CA VAL A 215 5.09 13.29 10.58
C VAL A 215 6.38 13.46 11.34
N ARG A 216 7.02 12.35 11.69
CA ARG A 216 8.44 12.39 12.08
C ARG A 216 9.24 11.62 10.98
N GLY A 217 10.54 11.93 10.94
CA GLY A 217 11.42 11.29 9.96
C GLY A 217 11.13 11.56 8.50
N PRO A 218 10.70 12.79 8.12
CA PRO A 218 10.26 13.01 6.71
C PRO A 218 11.42 12.98 5.74
N VAL A 219 12.66 13.13 6.24
CA VAL A 219 13.82 13.07 5.35
C VAL A 219 14.57 11.73 5.60
N ALA A 220 13.89 10.78 6.27
CA ALA A 220 14.49 9.47 6.55
C ALA A 220 15.85 9.62 7.22
N ARG A 221 15.92 10.51 8.22
CA ARG A 221 17.12 10.62 9.05
C ARG A 221 18.35 10.93 8.20
N GLY A 222 18.14 11.67 7.12
CA GLY A 222 19.27 12.06 6.28
C GLY A 222 19.42 11.29 4.99
N LEU A 223 18.69 10.18 4.87
CA LEU A 223 18.85 9.35 3.68
C LEU A 223 18.20 10.03 2.46
N LEU A 224 17.24 10.95 2.68
CA LEU A 224 16.68 11.76 1.59
C LEU A 224 17.24 13.19 1.50
N SER A 225 18.55 13.30 1.59
CA SER A 225 19.18 14.59 1.59
C SER A 225 20.47 14.48 0.83
N ARG A 226 21.38 15.39 1.17
CA ARG A 226 22.70 15.46 0.54
C ARG A 226 23.77 14.52 1.13
N ARG A 227 23.58 14.01 2.35
CA ARG A 227 24.60 13.13 2.94
C ARG A 227 24.75 11.88 2.14
N PRO A 228 25.96 11.30 2.14
CA PRO A 228 26.13 10.00 1.50
C PRO A 228 25.27 8.92 2.15
N LEU A 229 24.87 7.97 1.32
CA LEU A 229 24.28 6.74 1.82
C LEU A 229 25.47 5.94 2.41
N PRO A 230 25.42 5.60 3.71
CA PRO A 230 26.54 4.82 4.25
C PRO A 230 26.70 3.51 3.50
N GLU A 231 27.92 3.20 3.06
CA GLU A 231 28.09 2.07 2.17
C GLU A 231 27.60 0.74 2.77
N GLY A 232 26.80 0.03 1.99
CA GLY A 232 26.29 -1.27 2.34
C GLY A 232 25.09 -1.23 3.27
N GLU A 233 24.75 -0.07 3.80
CA GLU A 233 23.60 -0.01 4.73
C GLU A 233 22.30 0.23 4.00
N GLY A 234 21.22 -0.25 4.56
CA GLY A 234 19.91 -0.12 3.97
C GLY A 234 19.00 0.78 4.79
N TYR A 235 17.69 0.63 4.57
CA TYR A 235 16.69 1.39 5.31
C TYR A 235 15.42 0.61 5.21
N LEU A 236 14.94 0.05 6.33
CA LEU A 236 13.73 -0.76 6.27
C LEU A 236 13.93 -1.83 5.20
N ASN A 237 12.99 -1.95 4.27
CA ASN A 237 13.09 -3.02 3.24
C ASN A 237 13.91 -2.60 1.99
N TYR A 238 14.65 -1.50 2.07
CA TYR A 238 15.61 -1.12 1.02
C TYR A 238 17.00 -1.62 1.33
N ARG A 239 17.64 -2.25 0.33
CA ARG A 239 19.07 -2.49 0.41
C ARG A 239 19.80 -1.27 -0.10
N TYR A 240 21.09 -1.18 0.22
CA TYR A 240 21.95 -0.08 -0.23
C TYR A 240 21.79 0.23 -1.73
N ASP A 241 21.84 -0.84 -2.52
CA ASP A 241 21.80 -0.62 -3.99
C ASP A 241 20.46 -0.04 -4.42
N GLU A 242 19.39 -0.40 -3.70
CA GLU A 242 18.07 0.11 -4.02
C GLU A 242 17.92 1.56 -3.60
N LEU A 243 18.57 1.94 -2.48
CA LEU A 243 18.60 3.34 -2.08
C LEU A 243 19.35 4.19 -3.10
N LYS A 244 20.51 3.71 -3.52
CA LYS A 244 21.30 4.41 -4.53
C LYS A 244 20.50 4.61 -5.79
N LEU A 245 19.87 3.53 -6.24
CA LEU A 245 19.06 3.59 -7.46
C LEU A 245 17.88 4.54 -7.33
N LEU A 246 17.21 4.51 -6.18
CA LEU A 246 16.07 5.38 -6.00
C LEU A 246 16.49 6.85 -5.94
N ARG A 247 17.60 7.18 -5.28
CA ARG A 247 18.04 8.59 -5.30
C ARG A 247 18.24 9.07 -6.74
N GLU A 248 18.78 8.18 -7.57
CA GLU A 248 19.02 8.54 -8.97
C GLU A 248 17.73 8.65 -9.80
N SER A 249 16.74 7.78 -9.54
CA SER A 249 15.56 7.69 -10.35
C SER A 249 14.51 8.70 -9.97
N LEU A 250 14.49 9.15 -8.72
CA LEU A 250 13.56 10.19 -8.35
C LEU A 250 13.73 11.49 -9.16
N PRO A 251 12.65 12.29 -9.26
CA PRO A 251 12.76 13.52 -10.08
C PRO A 251 13.96 14.35 -9.62
N THR A 252 14.64 14.97 -10.59
CA THR A 252 15.82 15.78 -10.24
C THR A 252 15.58 17.27 -10.47
N ASP A 253 14.33 17.67 -10.69
CA ASP A 253 13.96 19.07 -10.88
C ASP A 253 13.73 19.83 -9.55
N ARG A 254 13.78 19.08 -8.43
CA ARG A 254 13.71 19.63 -7.09
C ARG A 254 14.84 18.98 -6.29
N PRO A 255 15.37 19.69 -5.26
CA PRO A 255 16.30 18.99 -4.37
C PRO A 255 15.59 17.81 -3.69
N LEU A 256 16.34 16.74 -3.43
CA LEU A 256 15.79 15.53 -2.78
C LEU A 256 15.09 15.90 -1.45
N HIS A 257 15.72 16.78 -0.69
CA HIS A 257 15.19 17.21 0.62
C HIS A 257 13.79 17.85 0.45
N GLU A 258 13.62 18.66 -0.59
CA GLU A 258 12.35 19.28 -0.91
C GLU A 258 11.32 18.27 -1.40
N LEU A 259 11.73 17.38 -2.31
CA LEU A 259 10.85 16.32 -2.75
C LEU A 259 10.31 15.53 -1.54
N ALA A 260 11.19 15.26 -0.60
CA ALA A 260 10.80 14.44 0.58
C ALA A 260 9.74 15.16 1.39
N LEU A 261 9.99 16.42 1.73
CA LEU A 261 9.00 17.15 2.56
C LEU A 261 7.70 17.38 1.79
N GLN A 262 7.79 17.72 0.49
CA GLN A 262 6.58 17.94 -0.26
C GLN A 262 5.82 16.65 -0.51
N TYR A 263 6.52 15.50 -0.60
CA TYR A 263 5.77 14.23 -0.74
C TYR A 263 4.90 14.01 0.51
N CYS A 264 5.48 14.23 1.69
CA CYS A 264 4.65 14.05 2.91
C CYS A 264 3.44 14.97 2.86
N LEU A 265 3.70 16.26 2.60
CA LEU A 265 2.63 17.25 2.60
C LEU A 265 1.57 17.07 1.55
N ALA A 266 1.89 16.34 0.48
CA ALA A 266 0.92 16.11 -0.60
C ALA A 266 -0.22 15.21 -0.19
N HIS A 267 -0.28 14.79 1.06
CA HIS A 267 -1.38 13.94 1.58
C HIS A 267 -2.19 14.80 2.54
N ASP A 268 -3.47 14.96 2.25
CA ASP A 268 -4.27 15.85 3.06
C ASP A 268 -4.36 15.44 4.53
N VAL A 269 -4.14 14.17 4.82
CA VAL A 269 -4.23 13.72 6.22
C VAL A 269 -3.09 14.29 7.06
N VAL A 270 -2.00 14.69 6.43
CA VAL A 270 -0.83 15.22 7.12
C VAL A 270 -1.07 16.69 7.48
N ALA A 271 -1.04 16.99 8.78
CA ALA A 271 -1.16 18.39 9.20
C ALA A 271 0.15 19.13 9.32
N THR A 272 1.20 18.43 9.72
CA THR A 272 2.48 19.07 9.95
C THR A 272 3.56 18.01 9.91
N VAL A 273 4.75 18.45 9.55
CA VAL A 273 5.93 17.63 9.48
C VAL A 273 6.99 18.16 10.45
N ALA A 274 7.53 17.28 11.29
CA ALA A 274 8.56 17.69 12.24
C ALA A 274 9.88 17.17 11.73
N ALA A 275 10.53 17.94 10.87
CA ALA A 275 11.81 17.58 10.33
C ALA A 275 12.94 17.87 11.30
N GLY A 276 13.93 17.00 11.34
CA GLY A 276 15.05 17.20 12.24
C GLY A 276 15.96 18.36 11.85
N ALA A 277 16.57 19.00 12.85
CA ALA A 277 17.54 20.07 12.60
C ALA A 277 18.51 20.14 13.77
N SER A 278 19.77 20.46 13.48
CA SER A 278 20.76 20.69 14.54
C SER A 278 21.40 22.08 14.38
N SER A 279 20.75 22.96 13.63
CA SER A 279 21.20 24.35 13.56
C SER A 279 20.07 25.20 13.02
N ILE A 280 20.16 26.50 13.30
CA ILE A 280 19.23 27.45 12.68
C ILE A 280 19.29 27.38 11.15
N ASP A 281 20.48 27.16 10.61
CA ASP A 281 20.59 26.98 9.16
C ASP A 281 19.74 25.82 8.65
N GLN A 282 19.78 24.70 9.36
CA GLN A 282 18.96 23.55 8.98
C GLN A 282 17.46 23.87 9.15
N VAL A 283 17.06 24.62 10.18
CA VAL A 283 15.66 25.00 10.30
C VAL A 283 15.27 25.86 9.11
N LYS A 284 16.10 26.84 8.77
CA LYS A 284 15.74 27.68 7.61
C LYS A 284 15.63 26.88 6.31
N ALA A 285 16.49 25.89 6.17
CA ALA A 285 16.45 24.99 4.99
C ALA A 285 15.14 24.20 4.99
N ASN A 286 14.68 23.76 6.17
CA ASN A 286 13.42 23.05 6.23
C ASN A 286 12.24 23.97 5.89
N VAL A 287 12.29 25.19 6.43
CA VAL A 287 11.23 26.14 6.13
C VAL A 287 11.16 26.42 4.61
N GLN A 288 12.30 26.65 4.00
CA GLN A 288 12.30 26.98 2.57
C GLN A 288 11.70 25.83 1.76
N ALA A 289 12.04 24.59 2.11
CA ALA A 289 11.58 23.43 1.36
C ALA A 289 10.06 23.25 1.57
N VAL A 290 9.54 23.43 2.80
CA VAL A 290 8.11 23.29 3.03
C VAL A 290 7.35 24.39 2.31
N GLU A 291 7.97 25.57 2.13
CA GLU A 291 7.24 26.69 1.52
C GLU A 291 7.30 26.65 -0.01
N ALA A 292 8.01 25.68 -0.57
CA ALA A 292 8.10 25.54 -2.04
C ALA A 292 6.75 25.08 -2.62
N THR A 293 6.66 25.11 -3.95
CA THR A 293 5.42 24.72 -4.61
C THR A 293 5.03 23.26 -4.25
N PRO A 294 3.75 23.01 -4.02
CA PRO A 294 3.35 21.65 -3.71
C PRO A 294 3.59 20.72 -4.88
N LEU A 295 3.69 19.41 -4.62
CA LEU A 295 3.74 18.46 -5.73
C LEU A 295 2.43 18.56 -6.53
N THR A 296 2.50 18.41 -7.83
CA THR A 296 1.26 18.18 -8.57
C THR A 296 0.79 16.73 -8.33
N ALA A 297 -0.45 16.42 -8.74
CA ALA A 297 -0.94 15.05 -8.71
C ALA A 297 0.03 14.13 -9.47
N GLU A 298 0.57 14.65 -10.56
CA GLU A 298 1.45 13.88 -11.42
C GLU A 298 2.78 13.56 -10.75
N GLU A 299 3.38 14.55 -10.11
CA GLU A 299 4.67 14.35 -9.44
C GLU A 299 4.53 13.32 -8.33
N ARG A 300 3.41 13.41 -7.63
CA ARG A 300 3.13 12.48 -6.56
C ARG A 300 2.99 11.06 -7.13
N GLN A 301 2.17 10.88 -8.16
CA GLN A 301 1.97 9.53 -8.74
C GLN A 301 3.30 8.94 -9.26
N HIS A 302 4.14 9.79 -9.79
CA HIS A 302 5.47 9.39 -10.16
C HIS A 302 6.38 8.83 -9.00
N ILE A 303 6.45 9.56 -7.89
CA ILE A 303 7.14 9.03 -6.71
C ILE A 303 6.48 7.74 -6.19
N GLN A 304 5.16 7.69 -6.28
CA GLN A 304 4.44 6.50 -5.82
C GLN A 304 4.84 5.26 -6.58
N LYS A 305 5.08 5.43 -7.88
CA LYS A 305 5.50 4.30 -8.68
C LYS A 305 6.93 3.88 -8.45
N LEU A 306 7.80 4.88 -8.27
CA LEU A 306 9.22 4.61 -8.09
C LEU A 306 9.59 4.01 -6.76
N ALA A 307 8.98 4.53 -5.69
CA ALA A 307 9.35 4.11 -4.34
C ALA A 307 8.57 2.85 -3.95
N LYS A 308 9.20 2.03 -3.11
CA LYS A 308 8.47 0.89 -2.54
C LYS A 308 7.25 1.38 -1.75
N ALA A 309 6.24 0.52 -1.65
CA ALA A 309 5.08 0.77 -0.76
C ALA A 309 4.94 -0.40 0.22
N ALA A 310 5.74 -0.33 1.29
CA ALA A 310 5.69 -1.38 2.29
C ALA A 310 4.50 -1.21 3.22
N VAL A 311 4.21 -2.26 4.00
CA VAL A 311 3.19 -2.17 5.05
C VAL A 311 3.77 -2.62 6.37
N TYR A 312 3.13 -2.21 7.49
CA TYR A 312 3.56 -2.76 8.79
C TYR A 312 3.33 -4.26 8.86
N GLU A 313 4.34 -4.96 9.35
CA GLU A 313 4.25 -6.40 9.54
C GLU A 313 3.67 -6.71 10.92
N GLN A 314 3.98 -5.87 11.90
CA GLN A 314 3.69 -6.20 13.30
C GLN A 314 2.58 -5.34 13.83
N HIS A 315 1.91 -5.86 14.85
CA HIS A 315 0.89 -5.10 15.59
C HIS A 315 -0.27 -4.70 14.71
N ARG A 316 -0.61 -5.53 13.71
CA ARG A 316 -1.66 -5.10 12.84
C ARG A 316 -3.06 -5.27 13.39
N GLU A 317 -3.25 -6.24 14.31
CA GLU A 317 -4.61 -6.59 14.77
C GLU A 317 -4.60 -6.88 16.27
N HIS B 20 16.06 -8.78 -13.28
CA HIS B 20 15.70 -8.41 -14.68
C HIS B 20 14.17 -8.27 -14.79
N MET B 21 13.36 -8.92 -13.52
CA MET B 21 11.90 -8.90 -13.59
C MET B 21 11.33 -7.49 -13.40
N LYS B 22 10.65 -6.99 -14.42
CA LYS B 22 9.99 -5.70 -14.34
C LYS B 22 8.69 -5.78 -13.53
N LYS B 23 8.28 -4.64 -12.99
CA LYS B 23 7.03 -4.53 -12.19
C LYS B 23 6.14 -3.46 -12.80
N ARG B 24 4.83 -3.64 -12.63
CA ARG B 24 3.81 -2.67 -13.04
C ARG B 24 2.97 -2.33 -11.81
N GLN B 25 2.41 -1.14 -11.78
CA GLN B 25 1.41 -0.80 -10.74
C GLN B 25 0.06 -1.50 -11.02
N LEU B 26 -0.54 -2.12 -9.98
CA LEU B 26 -1.85 -2.72 -10.15
C LEU B 26 -2.94 -1.68 -10.01
N GLY B 27 -3.53 -1.27 -11.12
CA GLY B 27 -4.58 -0.28 -11.09
C GLY B 27 -4.09 1.00 -10.42
N THR B 28 -4.89 1.60 -9.54
CA THR B 28 -4.41 2.81 -8.81
C THR B 28 -3.91 2.46 -7.43
N SER B 29 -3.73 1.16 -7.16
CA SER B 29 -3.17 0.72 -5.89
C SER B 29 -1.69 1.01 -5.77
N ASP B 30 -1.14 0.76 -4.59
CA ASP B 30 0.28 0.80 -4.18
CA ASP B 30 0.34 0.83 -4.57
C ASP B 30 0.97 -0.55 -4.49
N LEU B 31 0.29 -1.53 -5.10
CA LEU B 31 0.88 -2.87 -5.30
C LEU B 31 1.72 -2.80 -6.58
N HIS B 32 3.01 -3.11 -6.42
CA HIS B 32 3.96 -3.10 -7.55
C HIS B 32 4.22 -4.56 -7.89
N VAL B 33 3.52 -5.03 -8.90
CA VAL B 33 3.45 -6.46 -9.16
C VAL B 33 4.40 -6.84 -10.33
N SER B 34 5.09 -7.95 -10.16
CA SER B 34 5.94 -8.45 -11.24
C SER B 34 5.08 -8.72 -12.48
N GLU B 35 5.64 -8.38 -13.65
CA GLU B 35 4.91 -8.59 -14.90
C GLU B 35 4.52 -10.01 -15.14
N LEU B 36 5.36 -10.94 -14.69
CA LEU B 36 4.98 -12.33 -14.55
C LEU B 36 4.58 -12.56 -13.09
N GLY B 37 3.34 -12.98 -12.93
CA GLY B 37 2.84 -13.51 -11.69
C GLY B 37 2.81 -15.02 -11.73
N PHE B 38 2.25 -15.60 -10.68
CA PHE B 38 2.16 -17.06 -10.59
C PHE B 38 0.76 -17.48 -10.23
N GLY B 39 0.15 -18.28 -11.10
CA GLY B 39 -1.15 -18.87 -10.82
C GLY B 39 -0.99 -20.13 -9.99
N CYS B 40 -1.27 -20.04 -8.69
CA CYS B 40 -0.97 -21.14 -7.80
C CYS B 40 -1.80 -22.38 -8.07
N MET B 41 -2.93 -22.19 -8.75
CA MET B 41 -3.86 -23.28 -9.08
C MET B 41 -3.09 -24.46 -9.70
N SER B 42 -1.94 -24.15 -10.35
CA SER B 42 -1.08 -25.09 -11.08
C SER B 42 -0.11 -25.94 -10.23
N LEU B 43 -0.04 -25.69 -8.92
CA LEU B 43 0.98 -26.33 -8.07
C LEU B 43 0.86 -27.84 -7.91
N GLY B 44 -0.37 -28.34 -7.99
CA GLY B 44 -0.72 -29.75 -7.71
C GLY B 44 -0.99 -30.06 -6.24
N THR B 45 -1.23 -31.34 -5.91
CA THR B 45 -1.67 -31.70 -4.55
C THR B 45 -0.58 -32.40 -3.74
N ASP B 46 0.62 -32.44 -4.32
CA ASP B 46 1.79 -33.00 -3.64
C ASP B 46 2.56 -31.87 -2.96
N GLU B 47 2.60 -31.91 -1.64
CA GLU B 47 3.21 -30.81 -0.90
C GLU B 47 4.67 -30.57 -1.27
N THR B 48 5.49 -31.61 -1.23
CA THR B 48 6.90 -31.45 -1.56
C THR B 48 7.14 -30.79 -2.93
N LYS B 49 6.42 -31.26 -3.96
CA LYS B 49 6.61 -30.68 -5.29
C LYS B 49 6.10 -29.23 -5.35
N ALA B 50 4.96 -28.97 -4.70
CA ALA B 50 4.44 -27.60 -4.64
C ALA B 50 5.46 -26.63 -4.03
N ARG B 51 6.09 -27.05 -2.94
CA ARG B 51 7.08 -26.19 -2.27
C ARG B 51 8.33 -25.96 -3.14
N ARG B 52 8.71 -26.98 -3.91
CA ARG B 52 9.82 -26.86 -4.82
C ARG B 52 9.52 -25.86 -5.92
N ILE B 53 8.32 -25.91 -6.47
CA ILE B 53 7.91 -24.98 -7.48
C ILE B 53 7.91 -23.54 -6.93
N MET B 54 7.30 -23.36 -5.77
CA MET B 54 7.25 -22.04 -5.18
C MET B 54 8.64 -21.50 -4.87
N ASP B 55 9.59 -22.33 -4.46
CA ASP B 55 10.97 -21.88 -4.26
C ASP B 55 11.52 -21.25 -5.54
N GLU B 56 11.26 -21.92 -6.66
CA GLU B 56 11.76 -21.41 -7.93
C GLU B 56 11.08 -20.10 -8.34
N VAL B 57 9.75 -20.06 -8.18
CA VAL B 57 8.95 -18.88 -8.46
C VAL B 57 9.61 -17.70 -7.72
N LEU B 58 9.84 -17.86 -6.42
CA LEU B 58 10.37 -16.72 -5.65
C LEU B 58 11.83 -16.41 -6.03
N GLU B 59 12.62 -17.46 -6.29
CA GLU B 59 14.04 -17.27 -6.60
C GLU B 59 14.21 -16.43 -7.87
N LEU B 60 13.30 -16.61 -8.83
CA LEU B 60 13.41 -15.93 -10.11
C LEU B 60 12.72 -14.57 -10.16
N GLY B 61 12.27 -14.10 -9.00
CA GLY B 61 11.83 -12.70 -8.87
C GLY B 61 10.35 -12.46 -9.09
N ILE B 62 9.55 -13.52 -9.21
CA ILE B 62 8.11 -13.35 -9.29
C ILE B 62 7.67 -12.94 -7.89
N ASN B 63 6.85 -11.90 -7.82
CA ASN B 63 6.41 -11.39 -6.49
C ASN B 63 4.91 -11.43 -6.29
N TYR B 64 4.17 -11.97 -7.25
CA TYR B 64 2.74 -11.92 -7.28
C TYR B 64 2.19 -13.32 -7.35
N LEU B 65 1.57 -13.78 -6.25
CA LEU B 65 1.05 -15.15 -6.13
C LEU B 65 -0.46 -15.10 -6.05
N ASP B 66 -1.15 -15.79 -6.96
CA ASP B 66 -2.59 -15.81 -7.00
C ASP B 66 -3.11 -17.19 -6.66
N THR B 67 -3.88 -17.27 -5.58
CA THR B 67 -4.55 -18.53 -5.18
C THR B 67 -6.05 -18.29 -5.00
N ALA B 68 -6.76 -19.23 -4.35
CA ALA B 68 -8.20 -19.08 -4.08
C ALA B 68 -8.49 -20.02 -2.96
N ASP B 69 -9.44 -19.67 -2.09
CA ASP B 69 -9.82 -20.62 -1.04
C ASP B 69 -10.35 -21.95 -1.63
N LEU B 70 -11.04 -21.86 -2.77
CA LEU B 70 -11.70 -23.02 -3.36
C LEU B 70 -10.75 -24.09 -3.81
N TYR B 71 -9.55 -23.70 -4.22
CA TYR B 71 -8.67 -24.64 -4.93
C TYR B 71 -8.28 -25.79 -3.98
N ASN B 72 -8.62 -27.01 -4.38
CA ASN B 72 -8.36 -28.18 -3.54
C ASN B 72 -8.93 -27.97 -2.11
N GLN B 73 -10.09 -27.31 -2.03
CA GLN B 73 -10.76 -27.03 -0.75
C GLN B 73 -9.77 -26.57 0.33
N GLY B 74 -9.01 -25.52 -0.02
CA GLY B 74 -8.11 -24.86 0.92
C GLY B 74 -6.69 -25.38 0.91
N LEU B 75 -6.46 -26.54 0.27
CA LEU B 75 -5.12 -27.11 0.35
C LEU B 75 -4.12 -26.24 -0.44
N ASN B 76 -4.54 -25.64 -1.54
CA ASN B 76 -3.66 -24.75 -2.29
C ASN B 76 -3.21 -23.57 -1.41
N GLU B 77 -4.14 -22.92 -0.70
CA GLU B 77 -3.77 -21.86 0.21
C GLU B 77 -2.82 -22.39 1.28
N GLN B 78 -3.09 -23.58 1.81
CA GLN B 78 -2.17 -24.16 2.81
C GLN B 78 -0.75 -24.30 2.30
N PHE B 79 -0.61 -24.77 1.05
CA PHE B 79 0.73 -24.90 0.51
C PHE B 79 1.38 -23.54 0.32
N VAL B 80 0.66 -22.55 -0.19
CA VAL B 80 1.20 -21.21 -0.29
C VAL B 80 1.63 -20.66 1.10
N GLY B 81 0.82 -20.87 2.12
CA GLY B 81 1.13 -20.40 3.46
C GLY B 81 2.44 -21.00 3.98
N LYS B 82 2.61 -22.30 3.74
CA LYS B 82 3.85 -22.96 4.17
C LYS B 82 5.03 -22.43 3.40
N ALA B 83 4.83 -22.23 2.09
CA ALA B 83 5.93 -21.77 1.21
C ALA B 83 6.40 -20.38 1.60
N LEU B 84 5.50 -19.53 2.05
CA LEU B 84 5.79 -18.13 2.34
C LEU B 84 6.18 -17.89 3.79
N LYS B 85 6.12 -18.91 4.63
CA LYS B 85 6.38 -18.68 6.04
C LYS B 85 7.81 -18.11 6.20
N GLY B 86 7.90 -16.96 6.88
CA GLY B 86 9.18 -16.33 7.12
C GLY B 86 9.66 -15.45 5.97
N ARG B 87 8.88 -15.36 4.89
CA ARG B 87 9.30 -14.55 3.75
C ARG B 87 8.07 -13.98 3.04
N ARG B 88 7.02 -13.73 3.81
CA ARG B 88 5.75 -13.29 3.24
C ARG B 88 5.69 -11.77 2.94
N GLN B 89 6.45 -10.99 3.70
CA GLN B 89 6.27 -9.56 3.69
C GLN B 89 6.58 -8.92 2.38
N ASP B 90 7.49 -9.49 1.60
CA ASP B 90 7.76 -8.81 0.31
C ASP B 90 7.12 -9.50 -0.91
N ILE B 91 6.13 -10.29 -0.62
CA ILE B 91 5.31 -10.93 -1.64
C ILE B 91 3.91 -10.30 -1.66
N ILE B 92 3.36 -10.09 -2.85
CA ILE B 92 2.00 -9.61 -3.05
C ILE B 92 1.16 -10.85 -3.21
N LEU B 93 0.39 -11.14 -2.16
CA LEU B 93 -0.46 -12.28 -2.09
C LEU B 93 -1.90 -11.97 -2.39
N ALA B 94 -2.46 -12.67 -3.38
CA ALA B 94 -3.83 -12.53 -3.82
C ALA B 94 -4.55 -13.84 -3.59
N THR B 95 -5.79 -13.74 -3.10
CA THR B 95 -6.64 -14.89 -3.05
C THR B 95 -8.06 -14.49 -3.42
N LYS B 96 -9.01 -15.42 -3.30
CA LYS B 96 -10.35 -15.23 -3.83
C LYS B 96 -11.38 -15.82 -2.88
N VAL B 97 -12.61 -15.34 -2.99
CA VAL B 97 -13.67 -15.76 -2.10
C VAL B 97 -15.03 -15.72 -2.83
N GLY B 98 -15.99 -16.54 -2.39
CA GLY B 98 -17.39 -16.49 -2.80
C GLY B 98 -17.86 -17.87 -3.19
N ASN B 99 -17.00 -18.75 -3.68
CA ASN B 99 -17.40 -20.14 -3.91
C ASN B 99 -17.31 -20.89 -2.59
N ARG B 100 -18.47 -21.24 -2.09
CA ARG B 100 -18.60 -21.84 -0.77
C ARG B 100 -18.51 -23.36 -0.88
N PHE B 101 -17.69 -23.96 -0.05
CA PHE B 101 -17.39 -25.40 -0.12
C PHE B 101 -17.32 -25.94 1.31
N GLU B 102 -17.49 -27.25 1.43
CA GLU B 102 -17.41 -28.00 2.67
C GLU B 102 -16.72 -29.34 2.37
N GLN B 103 -15.94 -29.81 3.32
CA GLN B 103 -15.46 -31.23 3.34
C GLN B 103 -16.61 -32.26 3.18
N GLY B 104 -16.50 -33.18 2.20
CA GLY B 104 -17.48 -34.25 2.08
C GLY B 104 -18.72 -33.80 1.29
N LYS B 105 -18.70 -32.54 0.80
CA LYS B 105 -19.65 -32.12 -0.19
C LYS B 105 -18.82 -31.90 -1.42
N GLU B 106 -19.36 -32.41 -2.51
CA GLU B 106 -18.86 -32.22 -3.84
C GLU B 106 -19.20 -30.81 -4.22
N GLY B 107 -18.42 -30.29 -5.13
CA GLY B 107 -18.72 -29.04 -5.76
C GLY B 107 -18.72 -27.89 -4.77
N TRP B 108 -19.53 -26.90 -5.08
CA TRP B 108 -19.51 -25.61 -4.38
C TRP B 108 -20.67 -24.79 -4.89
N TRP B 109 -20.99 -23.75 -4.13
CA TRP B 109 -22.07 -22.86 -4.50
C TRP B 109 -21.69 -21.41 -4.28
N TRP B 110 -22.44 -20.49 -4.80
CA TRP B 110 -22.06 -19.09 -4.81
C TRP B 110 -22.67 -18.34 -3.63
N ASP B 111 -21.82 -17.68 -2.86
CA ASP B 111 -22.30 -16.86 -1.75
C ASP B 111 -21.50 -15.57 -1.70
N PRO B 112 -22.03 -14.50 -2.30
CA PRO B 112 -21.34 -13.22 -2.32
C PRO B 112 -21.77 -12.31 -1.17
N SER B 113 -22.39 -12.89 -0.13
CA SER B 113 -22.90 -12.06 0.97
C SER B 113 -21.77 -11.49 1.84
N LYS B 114 -22.06 -10.33 2.45
CA LYS B 114 -21.08 -9.71 3.37
C LYS B 114 -20.79 -10.65 4.54
N ALA B 115 -21.82 -11.27 5.11
CA ALA B 115 -21.59 -12.07 6.31
C ALA B 115 -20.66 -13.23 5.95
N TYR B 116 -20.88 -13.83 4.77
CA TYR B 116 -20.01 -14.91 4.37
C TYR B 116 -18.58 -14.42 4.12
N ILE B 117 -18.40 -13.38 3.30
CA ILE B 117 -17.07 -12.94 2.92
C ILE B 117 -16.27 -12.61 4.16
N LYS B 118 -16.85 -11.92 5.13
CA LYS B 118 -16.06 -11.45 6.27
C LYS B 118 -15.73 -12.58 7.20
N GLU B 119 -16.42 -13.71 7.15
CA GLU B 119 -15.99 -14.89 7.85
C GLU B 119 -14.99 -15.71 7.04
N ALA B 120 -15.23 -15.88 5.75
CA ALA B 120 -14.39 -16.74 4.93
C ALA B 120 -12.94 -16.25 4.91
N VAL B 121 -12.72 -14.92 4.95
CA VAL B 121 -11.35 -14.38 4.88
C VAL B 121 -10.56 -14.89 6.04
N LYS B 122 -11.22 -15.14 7.19
CA LYS B 122 -10.47 -15.63 8.32
C LYS B 122 -9.89 -17.01 8.10
N ASP B 123 -10.62 -17.84 7.36
CA ASP B 123 -10.15 -19.16 7.00
C ASP B 123 -8.96 -19.09 6.01
N SER B 124 -9.04 -18.18 5.05
CA SER B 124 -7.92 -17.96 4.15
C SER B 124 -6.68 -17.47 4.90
N LEU B 125 -6.86 -16.51 5.83
CA LEU B 125 -5.73 -16.00 6.58
C LEU B 125 -5.06 -17.13 7.38
N ARG B 126 -5.85 -17.99 8.03
CA ARG B 126 -5.31 -19.10 8.78
C ARG B 126 -4.50 -20.00 7.87
N ARG B 127 -5.08 -20.42 6.75
CA ARG B 127 -4.37 -21.33 5.85
C ARG B 127 -3.10 -20.70 5.26
N LEU B 128 -3.18 -19.40 4.95
CA LEU B 128 -2.05 -18.70 4.41
C LEU B 128 -1.01 -18.30 5.44
N GLN B 129 -1.31 -18.55 6.74
CA GLN B 129 -0.38 -18.23 7.83
C GLN B 129 0.01 -16.75 7.86
N THR B 130 -0.95 -15.88 7.64
CA THR B 130 -0.70 -14.45 7.64
C THR B 130 -1.90 -13.72 8.20
N ASP B 131 -1.72 -12.47 8.59
CA ASP B 131 -2.85 -11.71 9.07
C ASP B 131 -3.36 -10.65 8.07
N TYR B 132 -2.80 -10.58 6.85
CA TYR B 132 -3.38 -9.71 5.86
C TYR B 132 -3.16 -10.31 4.48
N ILE B 133 -4.07 -9.95 3.59
CA ILE B 133 -3.99 -10.34 2.15
C ILE B 133 -3.78 -9.05 1.35
N ASP B 134 -2.87 -9.07 0.37
CA ASP B 134 -2.66 -7.86 -0.41
C ASP B 134 -3.83 -7.54 -1.33
N LEU B 135 -4.35 -8.57 -2.06
CA LEU B 135 -5.45 -8.38 -2.98
C LEU B 135 -6.43 -9.49 -2.74
N TYR B 136 -7.63 -9.11 -2.34
CA TYR B 136 -8.73 -10.10 -2.11
C TYR B 136 -9.78 -9.94 -3.19
N GLN B 137 -10.07 -11.05 -3.89
CA GLN B 137 -10.87 -10.96 -5.10
C GLN B 137 -12.16 -11.74 -5.02
N LEU B 138 -13.23 -11.14 -5.49
CA LEU B 138 -14.46 -11.87 -5.68
C LEU B 138 -14.27 -12.95 -6.75
N HIS B 139 -14.58 -14.20 -6.42
CA HIS B 139 -14.23 -15.32 -7.33
C HIS B 139 -15.34 -15.59 -8.33
N GLY B 140 -15.62 -14.58 -9.16
CA GLY B 140 -16.71 -14.62 -10.10
C GLY B 140 -17.58 -13.39 -9.81
N GLY B 141 -18.88 -13.62 -9.73
CA GLY B 141 -19.85 -12.55 -9.50
C GLY B 141 -20.95 -12.63 -10.53
N THR B 142 -22.13 -12.19 -10.18
CA THR B 142 -23.28 -12.11 -11.07
C THR B 142 -23.95 -10.79 -10.79
N ILE B 143 -24.74 -10.32 -11.77
CA ILE B 143 -25.44 -9.03 -11.54
C ILE B 143 -26.64 -9.20 -10.65
N ASP B 144 -26.90 -10.45 -10.28
CA ASP B 144 -27.93 -10.73 -9.26
C ASP B 144 -27.46 -10.68 -7.82
N ASP B 145 -26.16 -10.60 -7.63
CA ASP B 145 -25.60 -10.47 -6.30
C ASP B 145 -26.06 -9.16 -5.68
N PRO B 146 -26.01 -9.09 -4.34
CA PRO B 146 -26.30 -7.85 -3.61
C PRO B 146 -25.04 -6.99 -3.64
N ILE B 147 -24.77 -6.40 -4.82
CA ILE B 147 -23.47 -5.87 -5.13
C ILE B 147 -23.05 -4.81 -4.13
N ASP B 148 -23.97 -3.94 -3.72
CA ASP B 148 -23.57 -2.94 -2.73
C ASP B 148 -23.11 -3.57 -1.43
N GLU B 149 -23.72 -4.65 -1.04
CA GLU B 149 -23.33 -5.36 0.18
C GLU B 149 -22.02 -6.07 0.00
N THR B 150 -21.77 -6.72 -1.15
CA THR B 150 -20.50 -7.33 -1.38
C THR B 150 -19.38 -6.29 -1.31
N ILE B 151 -19.63 -5.14 -1.96
CA ILE B 151 -18.66 -4.07 -1.94
C ILE B 151 -18.39 -3.63 -0.50
N GLU B 152 -19.45 -3.45 0.30
CA GLU B 152 -19.23 -3.04 1.68
C GLU B 152 -18.40 -4.07 2.46
N ALA B 153 -18.56 -5.36 2.16
CA ALA B 153 -17.72 -6.35 2.81
C ALA B 153 -16.24 -6.08 2.56
N PHE B 154 -15.86 -5.92 1.27
CA PHE B 154 -14.46 -5.67 0.98
C PHE B 154 -14.01 -4.32 1.58
N GLU B 155 -14.87 -3.30 1.52
CA GLU B 155 -14.47 -1.99 2.03
C GLU B 155 -14.24 -2.07 3.55
N GLU B 156 -15.04 -2.86 4.25
CA GLU B 156 -14.85 -3.01 5.70
C GLU B 156 -13.59 -3.78 6.01
N LEU B 157 -13.32 -4.86 5.26
CA LEU B 157 -12.08 -5.56 5.45
C LEU B 157 -10.84 -4.68 5.17
N LYS B 158 -10.95 -3.82 4.13
CA LYS B 158 -9.84 -2.95 3.81
C LYS B 158 -9.66 -1.94 4.94
N GLN B 159 -10.74 -1.34 5.41
CA GLN B 159 -10.66 -0.34 6.50
C GLN B 159 -10.04 -1.02 7.67
N GLU B 160 -10.36 -2.24 8.01
CA GLU B 160 -9.83 -2.97 9.16
C GLU B 160 -8.40 -3.40 8.93
N GLY B 161 -7.88 -3.40 7.72
CA GLY B 161 -6.53 -3.86 7.49
C GLY B 161 -6.38 -5.36 7.24
N VAL B 162 -7.49 -6.06 7.15
CA VAL B 162 -7.47 -7.48 6.81
C VAL B 162 -6.96 -7.67 5.36
N ILE B 163 -7.35 -6.74 4.50
CA ILE B 163 -6.88 -6.76 3.08
C ILE B 163 -6.37 -5.36 2.76
N ARG B 164 -5.48 -5.26 1.79
CA ARG B 164 -5.03 -3.96 1.31
C ARG B 164 -5.93 -3.41 0.22
N TYR B 165 -6.27 -4.27 -0.72
CA TYR B 165 -7.08 -3.87 -1.88
C TYR B 165 -7.97 -5.00 -2.27
N TYR B 166 -8.97 -4.71 -3.08
CA TYR B 166 -9.84 -5.78 -3.59
C TYR B 166 -10.03 -5.66 -5.09
N GLY B 167 -10.44 -6.78 -5.68
CA GLY B 167 -10.66 -6.87 -7.10
C GLY B 167 -11.73 -7.90 -7.38
N ILE B 168 -11.90 -8.24 -8.66
CA ILE B 168 -12.84 -9.32 -9.01
C ILE B 168 -12.12 -10.21 -10.02
N SER B 169 -12.55 -11.46 -10.09
CA SER B 169 -12.13 -12.36 -11.16
C SER B 169 -13.39 -12.64 -11.96
N SER B 170 -13.52 -12.04 -13.14
CA SER B 170 -14.77 -12.14 -13.87
C SER B 170 -14.49 -11.93 -15.35
N ILE B 171 -15.22 -12.67 -16.18
CA ILE B 171 -15.24 -12.33 -17.60
C ILE B 171 -16.68 -11.94 -18.05
N ARG B 172 -17.49 -11.43 -17.11
CA ARG B 172 -18.83 -11.00 -17.41
C ARG B 172 -18.83 -9.47 -17.50
N PRO B 173 -19.07 -8.91 -18.70
CA PRO B 173 -19.08 -7.45 -18.79
C PRO B 173 -20.12 -6.80 -17.88
N ASN B 174 -21.27 -7.44 -17.63
CA ASN B 174 -22.25 -6.75 -16.79
C ASN B 174 -21.76 -6.59 -15.35
N VAL B 175 -21.09 -7.60 -14.86
CA VAL B 175 -20.47 -7.57 -13.53
C VAL B 175 -19.33 -6.54 -13.49
N ILE B 176 -18.47 -6.58 -14.49
CA ILE B 176 -17.36 -5.65 -14.56
C ILE B 176 -17.87 -4.20 -14.57
N LYS B 177 -18.91 -3.94 -15.36
CA LYS B 177 -19.42 -2.58 -15.45
C LYS B 177 -19.98 -2.09 -14.12
N GLU B 178 -20.71 -2.96 -13.42
CA GLU B 178 -21.28 -2.58 -12.11
C GLU B 178 -20.15 -2.30 -11.10
N TYR B 179 -19.15 -3.16 -11.05
CA TYR B 179 -18.05 -2.94 -10.13
C TYR B 179 -17.22 -1.71 -10.49
N LEU B 180 -17.04 -1.42 -11.79
CA LEU B 180 -16.31 -0.21 -12.13
C LEU B 180 -17.07 1.03 -11.68
N LYS B 181 -18.39 1.00 -11.77
CA LYS B 181 -19.24 2.17 -11.43
C LYS B 181 -19.36 2.35 -9.95
N ARG B 182 -19.46 1.26 -9.21
CA ARG B 182 -19.91 1.32 -7.83
C ARG B 182 -18.85 1.00 -6.77
N SER B 183 -17.69 0.52 -7.16
CA SER B 183 -16.68 0.04 -6.21
C SER B 183 -15.34 0.68 -6.42
N ASN B 184 -14.41 0.32 -5.51
CA ASN B 184 -13.01 0.72 -5.59
C ASN B 184 -12.12 -0.44 -5.97
N ILE B 185 -12.62 -1.38 -6.75
CA ILE B 185 -11.73 -2.46 -7.21
C ILE B 185 -10.52 -1.83 -7.89
N VAL B 186 -9.38 -2.50 -7.80
CA VAL B 186 -8.14 -2.06 -8.47
C VAL B 186 -7.79 -2.99 -9.63
N SER B 187 -8.46 -4.14 -9.72
CA SER B 187 -8.04 -5.16 -10.72
C SER B 187 -9.26 -5.99 -11.10
N ILE B 188 -9.15 -6.57 -12.31
CA ILE B 188 -10.07 -7.56 -12.78
C ILE B 188 -9.22 -8.70 -13.40
N MET B 189 -9.36 -9.91 -12.85
CA MET B 189 -8.70 -11.07 -13.42
C MET B 189 -9.56 -11.65 -14.54
N MET B 190 -8.97 -11.76 -15.75
CA MET B 190 -9.71 -12.22 -16.94
C MET B 190 -8.85 -13.23 -17.65
N GLN B 191 -9.50 -14.27 -18.16
CA GLN B 191 -8.87 -15.14 -19.13
C GLN B 191 -8.56 -14.30 -20.40
N TYR B 192 -7.32 -14.35 -20.86
CA TYR B 192 -6.96 -13.52 -21.99
C TYR B 192 -5.76 -14.13 -22.67
N SER B 193 -5.82 -14.31 -23.98
CA SER B 193 -4.66 -14.82 -24.73
C SER B 193 -4.84 -14.41 -26.19
N ILE B 194 -3.84 -14.75 -27.01
CA ILE B 194 -3.99 -14.55 -28.45
C ILE B 194 -5.29 -15.23 -28.95
N LEU B 195 -5.69 -16.37 -28.36
CA LEU B 195 -6.84 -17.18 -28.80
C LEU B 195 -8.14 -16.80 -28.12
N ASP B 196 -8.07 -15.96 -27.10
CA ASP B 196 -9.26 -15.39 -26.48
C ASP B 196 -9.11 -13.91 -26.27
N ARG B 197 -9.54 -13.16 -27.29
CA ARG B 197 -9.40 -11.70 -27.30
C ARG B 197 -10.67 -10.98 -26.87
N ARG B 198 -11.65 -11.74 -26.38
CA ARG B 198 -12.89 -11.15 -25.87
C ARG B 198 -12.68 -10.03 -24.85
N PRO B 199 -11.65 -10.15 -23.99
CA PRO B 199 -11.44 -9.03 -23.02
C PRO B 199 -11.10 -7.68 -23.66
N GLU B 200 -10.53 -7.69 -24.88
CA GLU B 200 -10.00 -6.47 -25.46
C GLU B 200 -11.09 -5.42 -25.69
N GLU B 201 -12.33 -5.84 -25.92
CA GLU B 201 -13.43 -4.96 -26.12
C GLU B 201 -13.62 -4.03 -24.89
N TRP B 202 -13.23 -4.55 -23.74
CA TRP B 202 -13.51 -3.91 -22.43
C TRP B 202 -12.31 -3.15 -21.91
N PHE B 203 -11.14 -3.30 -22.53
CA PHE B 203 -9.94 -2.60 -22.08
C PHE B 203 -10.13 -1.08 -21.95
N PRO B 204 -10.73 -0.42 -22.96
CA PRO B 204 -10.90 1.04 -22.85
C PRO B 204 -11.67 1.45 -21.60
N LEU B 205 -12.77 0.76 -21.32
CA LEU B 205 -13.57 1.08 -20.13
C LEU B 205 -12.74 0.83 -18.86
N ILE B 206 -12.05 -0.30 -18.80
CA ILE B 206 -11.29 -0.64 -17.63
C ILE B 206 -10.16 0.40 -17.38
N GLN B 207 -9.46 0.73 -18.46
CA GLN B 207 -8.40 1.69 -18.37
C GLN B 207 -8.89 3.09 -18.01
N GLU B 208 -10.04 3.49 -18.54
CA GLU B 208 -10.61 4.82 -18.20
C GLU B 208 -10.81 4.96 -16.70
N HIS B 209 -11.08 3.82 -16.04
CA HIS B 209 -11.30 3.79 -14.60
C HIS B 209 -10.03 3.65 -13.78
N GLY B 210 -8.89 3.57 -14.45
CA GLY B 210 -7.64 3.40 -13.78
C GLY B 210 -7.44 2.01 -13.18
N VAL B 211 -8.18 1.03 -13.67
CA VAL B 211 -8.16 -0.37 -13.14
C VAL B 211 -7.26 -1.20 -14.08
N SER B 212 -6.60 -2.22 -13.53
CA SER B 212 -5.77 -3.11 -14.35
C SER B 212 -6.39 -4.47 -14.53
N VAL B 213 -5.93 -5.17 -15.56
CA VAL B 213 -6.25 -6.58 -15.78
C VAL B 213 -5.13 -7.47 -15.28
N VAL B 214 -5.51 -8.55 -14.57
CA VAL B 214 -4.56 -9.61 -14.25
C VAL B 214 -4.96 -10.76 -15.18
N VAL B 215 -4.01 -11.26 -15.96
CA VAL B 215 -4.35 -12.28 -16.95
C VAL B 215 -4.25 -13.68 -16.39
N ARG B 216 -5.28 -14.48 -16.68
CA ARG B 216 -5.18 -15.92 -16.50
C ARG B 216 -5.29 -16.61 -17.85
N GLY B 217 -4.72 -17.80 -17.93
CA GLY B 217 -4.83 -18.59 -19.17
C GLY B 217 -4.11 -18.02 -20.40
N PRO B 218 -2.93 -17.39 -20.20
CA PRO B 218 -2.31 -16.73 -21.38
C PRO B 218 -1.86 -17.71 -22.47
N VAL B 219 -1.66 -18.99 -22.12
CA VAL B 219 -1.24 -19.99 -23.11
C VAL B 219 -2.39 -20.87 -23.59
N ALA B 220 -3.63 -20.55 -23.18
CA ALA B 220 -4.85 -21.18 -23.76
C ALA B 220 -4.84 -22.72 -23.72
N ARG B 221 -4.71 -23.24 -22.51
CA ARG B 221 -4.81 -24.67 -22.24
C ARG B 221 -3.67 -25.39 -22.96
N GLY B 222 -2.50 -24.74 -23.02
CA GLY B 222 -1.32 -25.31 -23.73
C GLY B 222 -1.43 -25.24 -25.24
N LEU B 223 -2.46 -24.58 -25.76
CA LEU B 223 -2.60 -24.41 -27.20
C LEU B 223 -1.53 -23.50 -27.79
N LEU B 224 -0.99 -22.61 -26.99
CA LEU B 224 0.08 -21.73 -27.44
C LEU B 224 1.49 -22.12 -26.92
N SER B 225 1.84 -23.41 -27.06
CA SER B 225 3.09 -23.94 -26.51
C SER B 225 3.61 -24.99 -27.48
N ARG B 226 4.56 -25.80 -27.00
CA ARG B 226 5.13 -26.96 -27.72
C ARG B 226 4.26 -28.20 -27.59
N ARG B 227 3.24 -28.15 -26.75
CA ARG B 227 2.35 -29.29 -26.59
C ARG B 227 1.51 -29.47 -27.85
N PRO B 228 1.16 -30.72 -28.17
CA PRO B 228 0.31 -31.02 -29.33
C PRO B 228 -1.12 -30.43 -29.20
N LEU B 229 -1.66 -29.98 -30.30
CA LEU B 229 -3.11 -29.62 -30.34
C LEU B 229 -3.96 -30.92 -30.24
N PRO B 230 -4.92 -31.01 -29.30
CA PRO B 230 -5.83 -32.20 -29.33
C PRO B 230 -6.45 -32.38 -30.74
N GLU B 231 -6.30 -33.54 -31.41
CA GLU B 231 -6.78 -33.61 -32.83
C GLU B 231 -8.30 -33.46 -32.97
N GLY B 232 -8.73 -32.71 -33.98
CA GLY B 232 -10.14 -32.49 -34.28
C GLY B 232 -10.88 -31.59 -33.30
N GLU B 233 -10.18 -31.15 -32.26
CA GLU B 233 -10.80 -30.31 -31.22
C GLU B 233 -10.58 -28.84 -31.46
N GLY B 234 -11.62 -28.06 -31.16
CA GLY B 234 -11.53 -26.61 -31.28
C GLY B 234 -11.24 -25.94 -29.97
N TYR B 235 -11.36 -24.62 -29.99
CA TYR B 235 -11.23 -23.83 -28.77
C TYR B 235 -11.97 -22.56 -28.99
N LEU B 236 -12.91 -22.27 -28.08
CA LEU B 236 -13.75 -21.08 -28.23
C LEU B 236 -14.32 -21.06 -29.65
N ASN B 237 -14.09 -19.99 -30.42
CA ASN B 237 -14.64 -19.90 -31.76
C ASN B 237 -13.69 -20.38 -32.89
N TYR B 238 -12.63 -21.12 -32.50
CA TYR B 238 -11.73 -21.70 -33.48
C TYR B 238 -12.05 -23.16 -33.70
N ARG B 239 -12.11 -23.55 -34.97
CA ARG B 239 -12.09 -24.99 -35.37
C ARG B 239 -10.66 -25.52 -35.27
N TYR B 240 -10.48 -26.83 -35.16
CA TYR B 240 -9.14 -27.44 -35.17
C TYR B 240 -8.24 -26.89 -36.31
N ASP B 241 -8.73 -26.90 -37.55
CA ASP B 241 -7.93 -26.46 -38.70
C ASP B 241 -7.47 -25.00 -38.61
N GLU B 242 -8.29 -24.18 -37.96
CA GLU B 242 -7.96 -22.80 -37.71
C GLU B 242 -6.87 -22.63 -36.64
N LEU B 243 -6.89 -23.50 -35.64
CA LEU B 243 -5.83 -23.50 -34.61
C LEU B 243 -4.48 -23.87 -35.24
N LYS B 244 -4.50 -24.92 -36.08
CA LYS B 244 -3.29 -25.40 -36.75
C LYS B 244 -2.73 -24.28 -37.60
N LEU B 245 -3.60 -23.67 -38.41
CA LEU B 245 -3.18 -22.59 -39.30
C LEU B 245 -2.62 -21.40 -38.55
N LEU B 246 -3.27 -21.05 -37.44
CA LEU B 246 -2.80 -19.90 -36.67
C LEU B 246 -1.41 -20.12 -36.08
N ARG B 247 -1.17 -21.32 -35.52
CA ARG B 247 0.14 -21.69 -35.00
C ARG B 247 1.19 -21.48 -36.07
N GLU B 248 0.86 -21.88 -37.28
CA GLU B 248 1.82 -21.83 -38.38
C GLU B 248 2.04 -20.42 -38.90
N SER B 249 1.01 -19.57 -38.86
CA SER B 249 1.07 -18.21 -39.43
C SER B 249 1.61 -17.15 -38.47
N LEU B 250 1.56 -17.41 -37.17
CA LEU B 250 2.09 -16.43 -36.23
C LEU B 250 3.59 -16.19 -36.45
N PRO B 251 4.10 -15.00 -36.05
CA PRO B 251 5.52 -14.66 -36.24
C PRO B 251 6.46 -15.79 -35.85
N THR B 252 7.44 -16.06 -36.69
CA THR B 252 8.25 -17.24 -36.46
C THR B 252 9.56 -16.94 -35.77
N ASP B 253 9.82 -15.66 -35.49
CA ASP B 253 11.09 -15.27 -34.93
C ASP B 253 11.10 -15.31 -33.39
N ARG B 254 9.99 -15.65 -32.77
CA ARG B 254 9.94 -15.85 -31.30
C ARG B 254 9.25 -17.15 -31.04
N PRO B 255 9.57 -17.84 -29.92
CA PRO B 255 8.79 -19.03 -29.61
C PRO B 255 7.33 -18.67 -29.33
N LEU B 256 6.44 -19.62 -29.61
CA LEU B 256 5.03 -19.37 -29.46
C LEU B 256 4.71 -18.94 -28.01
N HIS B 257 5.28 -19.64 -27.06
CA HIS B 257 4.97 -19.36 -25.63
C HIS B 257 5.34 -17.91 -25.30
N GLU B 258 6.44 -17.43 -25.87
CA GLU B 258 6.88 -16.06 -25.68
C GLU B 258 5.97 -15.05 -26.38
N LEU B 259 5.59 -15.34 -27.63
CA LEU B 259 4.57 -14.56 -28.28
C LEU B 259 3.30 -14.43 -27.45
N ALA B 260 2.86 -15.55 -26.85
CA ALA B 260 1.64 -15.56 -26.05
C ALA B 260 1.78 -14.60 -24.85
N LEU B 261 2.88 -14.72 -24.11
CA LEU B 261 2.99 -13.92 -22.86
C LEU B 261 3.21 -12.46 -23.26
N GLN B 262 4.04 -12.23 -24.29
CA GLN B 262 4.35 -10.85 -24.68
C GLN B 262 3.13 -10.16 -25.31
N TYR B 263 2.27 -10.91 -25.99
CA TYR B 263 1.08 -10.32 -26.55
C TYR B 263 0.20 -9.76 -25.41
N CYS B 264 -0.01 -10.57 -24.38
CA CYS B 264 -0.77 -10.10 -23.23
C CYS B 264 -0.15 -8.82 -22.65
N LEU B 265 1.16 -8.86 -22.39
CA LEU B 265 1.82 -7.73 -21.74
C LEU B 265 1.88 -6.44 -22.58
N ALA B 266 1.71 -6.59 -23.90
CA ALA B 266 1.77 -5.43 -24.77
C ALA B 266 0.62 -4.46 -24.63
N HIS B 267 -0.33 -4.76 -23.76
CA HIS B 267 -1.48 -3.93 -23.46
C HIS B 267 -1.23 -3.26 -22.10
N ASP B 268 -1.26 -1.95 -22.08
CA ASP B 268 -0.96 -1.20 -20.88
C ASP B 268 -1.88 -1.53 -19.71
N VAL B 269 -3.11 -1.93 -20.02
CA VAL B 269 -4.08 -2.26 -18.97
C VAL B 269 -3.66 -3.49 -18.19
N VAL B 270 -2.84 -4.35 -18.79
CA VAL B 270 -2.41 -5.56 -18.10
C VAL B 270 -1.29 -5.27 -17.12
N ALA B 271 -1.51 -5.58 -15.84
CA ALA B 271 -0.44 -5.36 -14.87
C ALA B 271 0.45 -6.57 -14.66
N THR B 272 -0.14 -7.77 -14.77
CA THR B 272 0.59 -8.99 -14.55
C THR B 272 -0.13 -10.14 -15.24
N VAL B 273 0.63 -11.13 -15.65
CA VAL B 273 0.11 -12.37 -16.17
C VAL B 273 0.35 -13.47 -15.15
N ALA B 274 -0.73 -14.00 -14.59
CA ALA B 274 -0.63 -15.04 -13.56
C ALA B 274 -0.56 -16.40 -14.21
N ALA B 275 0.57 -16.64 -14.88
CA ALA B 275 0.71 -17.88 -15.64
C ALA B 275 0.86 -19.07 -14.71
N GLY B 276 0.35 -20.22 -15.12
CA GLY B 276 0.60 -21.44 -14.37
C GLY B 276 1.95 -22.02 -14.65
N ALA B 277 2.41 -22.89 -13.75
CA ALA B 277 3.67 -23.64 -13.95
C ALA B 277 3.63 -24.78 -13.02
N SER B 278 3.60 -25.99 -13.56
CA SER B 278 3.49 -27.17 -12.73
C SER B 278 4.81 -27.90 -12.54
N SER B 279 5.90 -27.28 -12.99
CA SER B 279 7.24 -27.82 -12.82
C SER B 279 8.26 -26.69 -12.74
N ILE B 280 9.44 -27.01 -12.28
CA ILE B 280 10.50 -26.04 -12.22
C ILE B 280 10.82 -25.53 -13.63
N ASP B 281 10.84 -26.42 -14.62
CA ASP B 281 11.23 -25.95 -15.93
C ASP B 281 10.17 -25.04 -16.54
N GLN B 282 8.90 -25.28 -16.20
CA GLN B 282 7.83 -24.35 -16.64
C GLN B 282 7.97 -22.97 -16.01
N VAL B 283 8.36 -22.94 -14.73
CA VAL B 283 8.63 -21.64 -14.09
C VAL B 283 9.77 -20.93 -14.85
N LYS B 284 10.87 -21.63 -15.12
CA LYS B 284 11.97 -21.00 -15.85
C LYS B 284 11.55 -20.50 -17.22
N ALA B 285 10.74 -21.27 -17.92
CA ALA B 285 10.28 -20.90 -19.27
C ALA B 285 9.39 -19.65 -19.23
N ASN B 286 8.53 -19.53 -18.21
CA ASN B 286 7.68 -18.37 -18.08
C ASN B 286 8.54 -17.14 -17.87
N VAL B 287 9.54 -17.26 -16.98
CA VAL B 287 10.42 -16.16 -16.67
C VAL B 287 11.22 -15.68 -17.89
N GLN B 288 11.79 -16.64 -18.60
CA GLN B 288 12.52 -16.32 -19.80
C GLN B 288 11.66 -15.58 -20.81
N ALA B 289 10.45 -16.09 -21.03
CA ALA B 289 9.49 -15.50 -21.96
C ALA B 289 9.13 -14.08 -21.63
N VAL B 290 8.82 -13.85 -20.35
CA VAL B 290 8.44 -12.50 -19.95
C VAL B 290 9.61 -11.50 -19.97
N GLU B 291 10.82 -11.98 -19.69
CA GLU B 291 12.01 -11.13 -19.64
C GLU B 291 12.58 -10.81 -21.02
N ALA B 292 12.00 -11.38 -22.06
CA ALA B 292 12.40 -11.12 -23.43
C ALA B 292 11.90 -9.73 -23.87
N THR B 293 12.33 -9.27 -25.05
CA THR B 293 11.98 -7.92 -25.48
C THR B 293 10.47 -7.77 -25.70
N PRO B 294 9.88 -6.62 -25.30
CA PRO B 294 8.46 -6.45 -25.55
C PRO B 294 8.14 -6.52 -27.02
N LEU B 295 6.89 -6.79 -27.35
CA LEU B 295 6.51 -6.67 -28.75
C LEU B 295 6.58 -5.20 -29.17
N THR B 296 7.02 -4.98 -30.39
CA THR B 296 6.85 -3.67 -31.00
C THR B 296 5.38 -3.48 -31.33
N ALA B 297 4.96 -2.23 -31.57
CA ALA B 297 3.59 -1.94 -32.00
C ALA B 297 3.27 -2.71 -33.28
N GLU B 298 4.35 -3.08 -33.99
CA GLU B 298 4.27 -3.77 -35.28
C GLU B 298 4.00 -5.27 -35.15
N GLU B 299 4.80 -5.94 -34.31
CA GLU B 299 4.64 -7.38 -34.02
C GLU B 299 3.23 -7.67 -33.51
N ARG B 300 2.77 -6.75 -32.68
CA ARG B 300 1.43 -6.79 -32.10
C ARG B 300 0.41 -6.70 -33.23
N GLN B 301 0.70 -5.83 -34.21
CA GLN B 301 -0.20 -5.62 -35.35
C GLN B 301 -0.39 -6.90 -36.20
N HIS B 302 0.69 -7.61 -36.46
CA HIS B 302 0.66 -8.88 -37.22
C HIS B 302 -0.16 -9.95 -36.46
N ILE B 303 0.04 -10.06 -35.16
CA ILE B 303 -0.77 -10.96 -34.36
C ILE B 303 -2.26 -10.55 -34.38
N GLN B 304 -2.56 -9.28 -34.21
CA GLN B 304 -3.94 -8.81 -34.24
C GLN B 304 -4.63 -9.15 -35.55
N LYS B 305 -3.88 -9.00 -36.66
CA LYS B 305 -4.41 -9.32 -37.99
C LYS B 305 -4.70 -10.80 -38.18
N LEU B 306 -3.80 -11.66 -37.71
CA LEU B 306 -3.94 -13.10 -37.91
C LEU B 306 -4.95 -13.77 -37.01
N ALA B 307 -5.03 -13.30 -35.76
CA ALA B 307 -5.90 -13.93 -34.78
C ALA B 307 -7.33 -13.45 -34.93
N LYS B 308 -8.29 -14.32 -34.65
CA LYS B 308 -9.67 -13.90 -34.58
C LYS B 308 -9.85 -12.89 -33.42
N ALA B 309 -10.96 -12.19 -33.45
CA ALA B 309 -11.27 -11.28 -32.36
C ALA B 309 -12.72 -11.39 -31.98
N ALA B 310 -13.03 -12.38 -31.11
CA ALA B 310 -14.38 -12.68 -30.67
C ALA B 310 -14.82 -11.63 -29.63
N VAL B 311 -16.12 -11.57 -29.40
CA VAL B 311 -16.65 -10.84 -28.25
C VAL B 311 -17.49 -11.72 -27.34
N TYR B 312 -17.62 -11.33 -26.08
CA TYR B 312 -18.55 -12.00 -25.21
C TYR B 312 -19.96 -11.82 -25.74
N GLU B 313 -20.71 -12.90 -25.85
CA GLU B 313 -22.14 -12.81 -26.24
C GLU B 313 -23.09 -12.77 -25.07
N GLN B 314 -22.72 -13.45 -23.99
CA GLN B 314 -23.58 -13.53 -22.83
C GLN B 314 -23.08 -12.54 -21.78
N HIS B 315 -24.01 -12.21 -20.88
CA HIS B 315 -23.71 -11.42 -19.68
C HIS B 315 -23.20 -10.02 -20.05
N ARG B 316 -23.66 -9.46 -21.16
CA ARG B 316 -23.12 -8.15 -21.57
C ARG B 316 -23.70 -6.95 -20.82
N GLU B 317 -24.93 -7.05 -20.34
CA GLU B 317 -25.54 -5.93 -19.58
C GLU B 317 -26.55 -6.41 -18.57
C1 GLC C . 12.03 -6.95 -1.62
C2 GLC C . 13.07 -6.11 -0.89
C3 GLC C . 14.40 -6.09 -1.67
C4 GLC C . 14.89 -7.53 -1.91
C5 GLC C . 13.77 -8.33 -2.59
C6 GLC C . 14.14 -9.80 -2.81
O2 GLC C . 12.52 -4.81 -0.71
O3 GLC C . 15.40 -5.44 -0.91
O4 GLC C . 16.00 -7.52 -2.77
O5 GLC C . 12.53 -8.24 -1.92
O6 GLC C . 14.25 -10.48 -1.56
C1 FRU C . 9.49 -5.38 -2.28
C2 FRU C . 10.34 -6.31 -3.19
C3 FRU C . 10.26 -6.01 -4.68
C4 FRU C . 10.36 -7.41 -5.29
C5 FRU C . 9.62 -8.26 -4.29
C6 FRU C . 10.19 -9.65 -4.17
O1 FRU C . 9.88 -4.04 -2.45
O2 FRU C . 11.70 -6.29 -2.83
O3 FRU C . 11.27 -5.12 -5.11
O4 FRU C . 9.80 -7.48 -6.58
O5 FRU C . 9.76 -7.60 -3.05
O6 FRU C . 9.25 -10.51 -3.56
NA NA D . -5.54 -2.15 4.58
S SO4 E . 14.56 13.61 9.69
O1 SO4 E . 13.94 14.90 9.37
O2 SO4 E . 14.18 13.26 11.05
O3 SO4 E . 14.01 12.62 8.76
O4 SO4 E . 16.00 13.71 9.67
S SO4 F . 6.35 -4.92 23.42
O1 SO4 F . 5.78 -3.69 23.98
O2 SO4 F . 5.41 -6.01 23.74
O3 SO4 F . 6.22 -4.78 21.98
O4 SO4 F . 7.64 -5.15 23.99
S SO4 G . 5.34 2.24 18.67
O1 SO4 G . 5.08 2.61 20.10
O2 SO4 G . 5.58 0.80 18.43
O3 SO4 G . 4.18 2.62 17.92
O4 SO4 G . 6.46 3.02 18.17
S SO4 H . 0.54 -7.14 19.87
O1 SO4 H . 0.21 -7.18 21.29
O2 SO4 H . 1.87 -7.64 19.68
O3 SO4 H . -0.42 -7.94 19.14
O4 SO4 H . 0.52 -5.85 19.26
S SO4 I . 9.48 35.59 33.94
O1 SO4 I . 8.05 35.53 33.82
O2 SO4 I . 10.00 36.81 33.35
O3 SO4 I . 9.92 35.49 35.34
O4 SO4 I . 10.10 34.46 33.20
S SO4 J . -4.62 12.59 -0.74
O1 SO4 J . -4.75 13.82 0.04
O2 SO4 J . -3.75 11.57 -0.06
O3 SO4 J . -5.94 12.05 -1.07
O4 SO4 J . -4.00 13.02 -2.02
S SO4 K . 19.50 19.05 24.95
O1 SO4 K . 19.01 18.31 26.11
O2 SO4 K . 20.81 19.63 25.28
O3 SO4 K . 18.57 20.12 24.61
O4 SO4 K . 19.67 18.15 23.82
S SO4 L . 23.03 -6.36 0.87
O1 SO4 L . 24.01 -6.58 1.95
O2 SO4 L . 22.77 -4.93 0.62
O3 SO4 L . 21.80 -7.08 1.20
O4 SO4 L . 23.62 -6.93 -0.37
C1 GOL M . 21.40 18.25 6.16
O1 GOL M . 21.39 18.05 7.56
C2 GOL M . 20.28 17.48 5.49
O2 GOL M . 19.12 18.26 5.38
C3 GOL M . 20.00 16.29 6.39
O3 GOL M . 18.79 15.56 6.19
S SO4 N . 3.12 1.08 -14.96
O1 SO4 N . 1.89 0.54 -15.57
O2 SO4 N . 4.37 0.53 -15.52
O3 SO4 N . 3.15 2.51 -15.23
O4 SO4 N . 3.14 0.85 -13.55
S SO4 O . 9.07 -2.32 -5.61
O1 SO4 O . 8.59 -0.92 -5.61
O2 SO4 O . 8.35 -3.05 -4.55
O3 SO4 O . 8.66 -2.95 -6.90
O4 SO4 O . 10.49 -2.40 -5.33
S SO4 P . 7.93 -22.83 -31.19
O1 SO4 P . 7.56 -21.49 -31.53
O2 SO4 P . 9.27 -22.98 -30.71
O3 SO4 P . 6.94 -23.37 -30.22
O4 SO4 P . 7.77 -23.62 -32.43
S SO4 Q . -9.48 -25.89 6.58
O1 SO4 Q . -8.34 -25.15 7.11
O2 SO4 Q . -9.76 -25.44 5.21
O3 SO4 Q . -10.68 -25.68 7.39
O4 SO4 Q . -9.14 -27.31 6.55
#